data_5X45
#
_entry.id   5X45
#
_cell.length_a   80.992
_cell.length_b   85.370
_cell.length_c   208.908
_cell.angle_alpha   90.000
_cell.angle_beta   90.000
_cell.angle_gamma   90.000
#
_symmetry.space_group_name_H-M   'C 2 2 21'
#
loop_
_entity.id
_entity.type
_entity.pdbx_description
1 polymer 'protease 2A'
2 non-polymer 'ZINC ION'
3 water water
#
_entity_poly.entity_id   1
_entity_poly.type   'polypeptide(L)'
_entity_poly.pdbx_seq_one_letter_code
;GSGPSDMFVHTRDAIYKCAHLTNPTDETILLALTADLQVDSTNVPGPDVIPCCDCTAGCYYSRSKDRYFPVECVSHDWYE
IQESGYYPKHIQYNLLIGEGHCEPGDCGGKLLCKHGVIGMITAGGDNHVAFTDLRPYSS
;
_entity_poly.pdbx_strand_id   A,B,C,D
#
loop_
_chem_comp.id
_chem_comp.type
_chem_comp.name
_chem_comp.formula
ZN non-polymer 'ZINC ION' 'Zn 2'
#
# COMPACT_ATOMS: atom_id res chain seq x y z
N GLY A 3 26.99 -10.34 -1.23
CA GLY A 3 25.69 -10.56 -0.64
C GLY A 3 25.69 -11.18 0.74
N PRO A 4 26.36 -12.34 0.90
CA PRO A 4 26.40 -13.00 2.21
C PRO A 4 27.08 -12.19 3.30
N SER A 5 27.88 -11.20 2.92
CA SER A 5 28.64 -10.41 3.88
C SER A 5 27.91 -9.13 4.29
N ASP A 6 26.80 -8.84 3.63
CA ASP A 6 26.06 -7.61 3.92
C ASP A 6 25.47 -7.67 5.32
N MET A 7 25.72 -6.63 6.10
CA MET A 7 25.25 -6.51 7.49
C MET A 7 23.85 -5.88 7.55
N PHE A 8 22.98 -6.26 6.63
CA PHE A 8 21.60 -5.77 6.61
C PHE A 8 20.78 -6.77 5.84
N VAL A 9 19.46 -6.66 5.92
CA VAL A 9 18.58 -7.53 5.15
C VAL A 9 17.77 -6.71 4.16
N HIS A 10 17.84 -7.10 2.89
CA HIS A 10 17.20 -6.33 1.83
C HIS A 10 16.19 -7.18 1.06
N THR A 11 14.92 -7.03 1.39
CA THR A 11 13.87 -7.82 0.75
C THR A 11 13.34 -7.09 -0.49
N ARG A 12 12.27 -7.61 -1.07
CA ARG A 12 11.68 -7.00 -2.28
C ARG A 12 11.25 -5.57 -2.04
N ASP A 13 10.77 -5.31 -0.84
CA ASP A 13 10.16 -4.01 -0.54
C ASP A 13 10.78 -3.27 0.66
N ALA A 14 11.65 -3.92 1.43
CA ALA A 14 12.13 -3.32 2.67
C ALA A 14 13.60 -3.60 2.97
N ILE A 15 14.19 -2.73 3.78
CA ILE A 15 15.55 -2.90 4.28
C ILE A 15 15.55 -2.93 5.80
N TYR A 16 16.19 -3.95 6.37
CA TYR A 16 16.23 -4.14 7.82
C TYR A 16 17.65 -3.90 8.33
N LYS A 17 17.80 -2.98 9.28
CA LYS A 17 19.12 -2.69 9.83
C LYS A 17 19.05 -2.65 11.35
N CYS A 18 20.19 -2.81 11.97
CA CYS A 18 20.27 -2.66 13.39
C CYS A 18 20.17 -1.18 13.63
N ALA A 19 19.33 -0.77 14.55
CA ALA A 19 19.02 0.63 14.71
C ALA A 19 20.19 1.53 15.07
N HIS A 20 21.13 1.03 15.85
CA HIS A 20 22.24 1.83 16.26
C HIS A 20 23.25 2.08 15.16
N LEU A 21 23.05 1.47 14.02
CA LEU A 21 23.94 1.59 12.90
C LEU A 21 23.37 2.48 11.85
N THR A 22 22.23 3.06 12.12
CA THR A 22 21.58 3.91 11.16
C THR A 22 20.82 5.01 11.85
N ASN A 23 19.98 5.68 11.11
CA ASN A 23 19.18 6.74 11.67
C ASN A 23 17.82 6.77 11.01
N PRO A 24 16.80 7.25 11.73
CA PRO A 24 15.48 7.26 11.11
C PRO A 24 15.47 8.22 9.93
N THR A 25 14.78 7.85 8.86
CA THR A 25 14.72 8.64 7.65
C THR A 25 13.25 8.74 7.29
N ASP A 26 12.95 9.28 6.12
CA ASP A 26 11.55 9.49 5.78
C ASP A 26 10.97 8.19 5.19
N GLU A 27 11.83 7.20 4.91
CA GLU A 27 11.36 5.89 4.43
C GLU A 27 11.25 4.88 5.57
N THR A 28 11.50 5.29 6.80
CA THR A 28 11.35 4.40 7.94
C THR A 28 9.89 3.99 8.12
N ILE A 29 9.64 2.69 8.22
CA ILE A 29 8.28 2.18 8.41
C ILE A 29 8.16 1.43 9.75
N LEU A 30 9.29 1.20 10.41
CA LEU A 30 9.28 0.58 11.74
C LEU A 30 10.56 0.91 12.48
N LEU A 31 10.41 1.35 13.73
CA LEU A 31 11.58 1.58 14.57
C LEU A 31 11.31 1.02 15.96
N ALA A 32 12.08 -0.01 16.32
CA ALA A 32 11.91 -0.69 17.59
C ALA A 32 13.25 -0.88 18.31
N LEU A 33 13.56 0.01 19.25
CA LEU A 33 14.81 -0.06 20.01
C LEU A 33 14.84 -1.24 20.99
N THR A 34 13.67 -1.75 21.34
CA THR A 34 13.58 -2.94 22.18
C THR A 34 13.94 -4.18 21.38
N ALA A 35 14.15 -3.99 20.08
CA ALA A 35 14.65 -5.05 19.23
C ALA A 35 15.89 -4.60 18.47
N ASP A 36 16.36 -3.39 18.78
CA ASP A 36 17.50 -2.78 18.09
C ASP A 36 17.30 -2.87 16.57
N LEU A 37 16.10 -2.52 16.12
CA LEU A 37 15.71 -2.78 14.74
C LEU A 37 15.10 -1.56 14.07
N GLN A 38 15.56 -1.26 12.87
CA GLN A 38 14.94 -0.23 12.06
C GLN A 38 14.58 -0.82 10.71
N VAL A 39 13.36 -0.55 10.24
CA VAL A 39 12.98 -1.04 8.93
C VAL A 39 12.59 0.12 8.03
N ASP A 40 13.18 0.15 6.83
CA ASP A 40 12.89 1.20 5.86
C ASP A 40 12.27 0.58 4.62
N SER A 41 11.31 1.29 4.02
CA SER A 41 10.78 0.88 2.74
C SER A 41 11.80 1.21 1.65
N THR A 42 11.71 0.51 0.52
CA THR A 42 12.61 0.81 -0.58
C THR A 42 11.98 0.55 -1.95
N ASN A 43 12.33 1.42 -2.89
CA ASN A 43 11.85 1.36 -4.25
C ASN A 43 12.61 0.31 -5.06
N VAL A 44 13.84 0.02 -4.64
CA VAL A 44 14.67 -0.98 -5.34
C VAL A 44 14.56 -2.33 -4.60
N PRO A 45 14.09 -3.36 -5.31
CA PRO A 45 13.91 -4.71 -4.77
C PRO A 45 15.23 -5.39 -4.33
N GLY A 46 15.19 -6.11 -3.22
CA GLY A 46 16.34 -6.84 -2.74
C GLY A 46 16.18 -8.34 -2.90
N PRO A 47 17.30 -9.08 -2.78
CA PRO A 47 17.34 -10.52 -3.00
C PRO A 47 16.90 -11.37 -1.80
N ASP A 48 16.87 -10.80 -0.60
CA ASP A 48 16.61 -11.59 0.61
C ASP A 48 15.13 -11.88 0.86
N VAL A 49 14.87 -12.99 1.55
CA VAL A 49 13.51 -13.42 1.85
C VAL A 49 13.38 -13.81 3.33
N ILE A 50 12.44 -13.18 4.02
CA ILE A 50 12.16 -13.55 5.40
C ILE A 50 11.01 -14.55 5.45
N PRO A 51 11.32 -15.77 5.80
CA PRO A 51 10.37 -16.88 5.77
C PRO A 51 9.41 -16.84 6.92
N CYS A 52 8.31 -17.52 6.79
CA CYS A 52 7.37 -17.61 7.86
C CYS A 52 7.48 -18.98 8.44
N CYS A 53 8.66 -19.52 8.41
CA CYS A 53 8.90 -20.81 8.98
C CYS A 53 9.04 -20.70 10.49
N ASP A 54 9.36 -21.84 11.06
CA ASP A 54 9.53 -22.05 12.50
C ASP A 54 10.96 -22.39 12.90
N CYS A 55 11.85 -22.48 11.91
CA CYS A 55 13.24 -22.89 12.14
C CYS A 55 13.98 -22.08 13.22
N THR A 56 14.88 -22.77 13.92
CA THR A 56 15.74 -22.13 14.93
C THR A 56 17.21 -22.50 14.68
N ALA A 57 17.44 -23.36 13.71
CA ALA A 57 18.80 -23.77 13.34
C ALA A 57 19.15 -23.33 11.92
N GLY A 58 20.40 -22.94 11.73
CA GLY A 58 20.86 -22.52 10.42
C GLY A 58 22.33 -22.12 10.43
N CYS A 59 22.65 -21.07 9.70
CA CYS A 59 24.02 -20.60 9.61
C CYS A 59 24.06 -19.09 9.66
N TYR A 60 25.17 -18.54 10.14
CA TYR A 60 25.26 -17.10 10.23
C TYR A 60 26.63 -16.56 9.82
N TYR A 61 26.65 -15.31 9.38
CA TYR A 61 27.89 -14.65 9.03
C TYR A 61 28.55 -14.02 10.25
N SER A 62 29.82 -14.33 10.46
CA SER A 62 30.63 -13.70 11.50
C SER A 62 31.63 -12.75 10.86
N ARG A 63 31.47 -11.44 11.09
CA ARG A 63 32.36 -10.48 10.43
C ARG A 63 33.78 -10.60 10.98
N SER A 64 33.89 -10.76 12.30
CA SER A 64 35.20 -10.86 12.96
C SER A 64 36.03 -12.05 12.49
N LYS A 65 35.36 -13.16 12.14
CA LYS A 65 36.05 -14.34 11.61
C LYS A 65 36.01 -14.38 10.09
N ASP A 66 35.22 -13.48 9.50
CA ASP A 66 34.97 -13.40 8.05
C ASP A 66 34.61 -14.76 7.43
N ARG A 67 33.65 -15.46 8.02
CA ARG A 67 33.15 -16.71 7.47
C ARG A 67 31.78 -17.03 8.03
N TYR A 68 31.11 -18.00 7.42
CA TYR A 68 29.84 -18.48 7.93
C TYR A 68 30.04 -19.62 8.94
N PHE A 69 29.14 -19.71 9.91
CA PHE A 69 29.11 -20.81 10.89
C PHE A 69 27.76 -21.47 10.93
N PRO A 70 27.73 -22.80 11.04
CA PRO A 70 26.47 -23.46 11.42
C PRO A 70 26.10 -23.04 12.82
N VAL A 71 24.81 -23.03 13.16
CA VAL A 71 24.41 -22.63 14.51
C VAL A 71 23.03 -23.19 14.85
N GLU A 72 22.83 -23.57 16.11
CA GLU A 72 21.53 -24.03 16.60
C GLU A 72 21.03 -23.07 17.68
N CYS A 73 19.84 -22.50 17.52
CA CYS A 73 19.41 -21.51 18.51
C CYS A 73 18.20 -21.92 19.35
N VAL A 74 18.09 -21.25 20.50
CA VAL A 74 16.92 -21.33 21.35
C VAL A 74 16.25 -19.95 21.41
N SER A 75 14.92 -19.92 21.39
CA SER A 75 14.16 -18.68 21.56
C SER A 75 14.06 -18.17 23.00
N HIS A 76 14.20 -16.86 23.15
CA HIS A 76 13.95 -16.17 24.41
C HIS A 76 13.00 -15.02 24.13
N ASP A 77 11.92 -14.94 24.90
CA ASP A 77 10.99 -13.82 24.78
C ASP A 77 11.69 -12.50 25.06
N TRP A 78 12.58 -12.49 26.04
CA TRP A 78 13.38 -11.30 26.28
C TRP A 78 14.72 -11.65 26.86
N TYR A 79 15.67 -10.72 26.77
CA TYR A 79 17.05 -10.99 27.13
C TYR A 79 17.74 -9.71 27.58
N GLU A 80 18.59 -9.83 28.60
CA GLU A 80 19.34 -8.68 29.11
C GLU A 80 20.61 -8.45 28.28
N ILE A 81 20.67 -7.31 27.60
CA ILE A 81 21.87 -6.94 26.85
C ILE A 81 22.76 -6.08 27.73
N GLN A 82 24.02 -6.44 27.85
CA GLN A 82 24.92 -5.68 28.70
C GLN A 82 25.27 -4.34 28.05
N GLU A 83 25.63 -3.38 28.88
CA GLU A 83 26.05 -2.06 28.44
C GLU A 83 27.11 -2.14 27.35
N SER A 84 26.94 -1.34 26.30
CA SER A 84 27.89 -1.28 25.21
C SER A 84 28.39 0.15 25.05
N GLY A 85 28.45 0.65 23.82
CA GLY A 85 28.90 2.02 23.61
C GLY A 85 27.76 2.86 23.09
N TYR A 86 26.81 2.21 22.42
CA TYR A 86 25.66 2.90 21.87
C TYR A 86 24.41 2.78 22.76
N TYR A 87 24.37 1.75 23.60
CA TYR A 87 23.24 1.57 24.51
C TYR A 87 23.70 1.30 25.92
N PRO A 88 22.95 1.81 26.91
CA PRO A 88 23.12 1.33 28.28
C PRO A 88 22.60 -0.09 28.40
N LYS A 89 22.85 -0.73 29.54
CA LYS A 89 22.28 -2.04 29.83
C LYS A 89 20.77 -1.95 29.69
N HIS A 90 20.18 -2.87 28.92
CA HIS A 90 18.74 -2.81 28.62
C HIS A 90 18.17 -4.17 28.21
N ILE A 91 16.85 -4.27 28.21
CA ILE A 91 16.17 -5.50 27.81
C ILE A 91 15.80 -5.45 26.32
N GLN A 92 16.03 -6.55 25.61
CA GLN A 92 15.56 -6.70 24.25
C GLN A 92 14.59 -7.88 24.14
N TYR A 93 13.77 -7.88 23.11
CA TYR A 93 12.71 -8.88 22.94
C TYR A 93 12.90 -9.73 21.69
N ASN A 94 12.31 -10.93 21.70
CA ASN A 94 12.35 -11.86 20.57
C ASN A 94 13.76 -12.18 20.10
N LEU A 95 14.51 -12.89 20.95
CA LEU A 95 15.86 -13.26 20.59
C LEU A 95 16.01 -14.74 20.31
N LEU A 96 16.92 -15.03 19.39
CA LEU A 96 17.43 -16.37 19.19
C LEU A 96 18.84 -16.43 19.78
N ILE A 97 19.09 -17.40 20.65
CA ILE A 97 20.41 -17.50 21.26
C ILE A 97 21.08 -18.82 20.96
N GLY A 98 22.31 -18.75 20.43
CA GLY A 98 23.04 -19.96 20.12
C GLY A 98 24.48 -19.85 20.57
N GLU A 99 25.17 -20.99 20.63
CA GLU A 99 26.59 -20.99 20.92
C GLU A 99 27.31 -20.63 19.64
N GLY A 100 28.27 -19.72 19.76
CA GLY A 100 28.98 -19.25 18.60
C GLY A 100 29.82 -18.04 18.95
N HIS A 101 30.81 -17.76 18.12
CA HIS A 101 31.68 -16.63 18.34
C HIS A 101 31.00 -15.29 18.00
N CYS A 102 31.19 -14.30 18.87
CA CYS A 102 30.67 -12.97 18.61
C CYS A 102 31.54 -11.90 19.29
N GLU A 103 31.88 -10.87 18.54
CA GLU A 103 32.67 -9.75 19.05
C GLU A 103 31.95 -8.45 18.75
N PRO A 104 32.33 -7.36 19.43
CA PRO A 104 31.84 -6.05 19.01
C PRO A 104 32.13 -5.80 17.54
N GLY A 105 31.12 -5.37 16.79
CA GLY A 105 31.29 -5.13 15.37
C GLY A 105 30.63 -6.17 14.49
N ASP A 106 30.14 -7.24 15.11
CA ASP A 106 29.52 -8.33 14.35
C ASP A 106 28.01 -8.10 14.14
N CYS A 107 27.46 -7.06 14.78
CA CYS A 107 26.03 -6.77 14.69
C CYS A 107 25.57 -6.54 13.25
N GLY A 108 24.45 -7.15 12.89
CA GLY A 108 23.93 -7.03 11.54
C GLY A 108 24.18 -8.27 10.69
N GLY A 109 25.14 -9.10 11.10
CA GLY A 109 25.44 -10.34 10.42
C GLY A 109 24.21 -11.21 10.35
N LYS A 110 23.96 -11.79 9.19
CA LYS A 110 22.72 -12.50 8.92
C LYS A 110 22.67 -13.91 9.47
N LEU A 111 21.50 -14.30 9.97
CA LEU A 111 21.19 -15.68 10.32
C LEU A 111 20.20 -16.25 9.31
N LEU A 112 20.61 -17.34 8.66
CA LEU A 112 19.79 -17.97 7.63
C LEU A 112 19.41 -19.40 7.94
N CYS A 113 18.17 -19.75 7.64
CA CYS A 113 17.76 -21.13 7.55
C CYS A 113 17.65 -21.51 6.08
N LYS A 114 17.14 -22.70 5.79
CA LYS A 114 17.01 -23.13 4.41
C LYS A 114 16.09 -22.19 3.62
N HIS A 115 15.06 -21.67 4.27
CA HIS A 115 14.03 -20.87 3.60
C HIS A 115 14.34 -19.38 3.44
N GLY A 116 15.34 -18.88 4.16
CA GLY A 116 15.74 -17.50 4.03
C GLY A 116 16.37 -16.90 5.28
N VAL A 117 16.38 -15.58 5.34
CA VAL A 117 16.95 -14.87 6.46
C VAL A 117 15.94 -14.74 7.59
N ILE A 118 16.29 -15.20 8.79
CA ILE A 118 15.36 -15.14 9.91
C ILE A 118 15.86 -14.22 11.02
N GLY A 119 17.11 -13.76 10.93
CA GLY A 119 17.68 -12.99 12.01
C GLY A 119 18.93 -12.19 11.69
N MET A 120 19.32 -11.34 12.65
CA MET A 120 20.53 -10.53 12.56
C MET A 120 21.22 -10.50 13.91
N ILE A 121 22.54 -10.61 13.92
CA ILE A 121 23.27 -10.48 15.18
C ILE A 121 22.98 -9.12 15.80
N THR A 122 22.64 -9.11 17.08
CA THR A 122 22.30 -7.87 17.77
C THR A 122 23.15 -7.69 19.02
N ALA A 123 23.68 -8.81 19.51
CA ALA A 123 24.51 -8.84 20.70
C ALA A 123 25.12 -10.24 20.83
N GLY A 124 26.17 -10.36 21.64
CA GLY A 124 26.76 -11.65 21.92
C GLY A 124 27.97 -11.51 22.84
N GLY A 125 28.46 -12.62 23.37
CA GLY A 125 29.60 -12.56 24.26
C GLY A 125 30.49 -13.78 24.20
N ASP A 126 30.70 -14.42 25.36
CA ASP A 126 31.53 -15.62 25.48
C ASP A 126 30.85 -16.89 24.98
N ASN A 127 31.13 -17.18 23.71
CA ASN A 127 30.61 -18.32 22.96
C ASN A 127 29.08 -18.32 22.95
N HIS A 128 28.52 -17.14 23.05
CA HIS A 128 27.12 -16.96 22.79
C HIS A 128 26.90 -15.82 21.82
N VAL A 129 25.96 -16.02 20.91
CA VAL A 129 25.60 -15.02 19.93
C VAL A 129 24.09 -14.89 19.99
N ALA A 130 23.60 -13.64 20.01
CA ALA A 130 22.18 -13.35 20.09
C ALA A 130 21.69 -12.70 18.81
N PHE A 131 20.62 -13.23 18.27
CA PHE A 131 20.04 -12.69 17.05
C PHE A 131 18.68 -12.10 17.36
N THR A 132 18.33 -10.97 16.75
CA THR A 132 16.93 -10.58 16.72
C THR A 132 16.24 -11.42 15.66
N ASP A 133 15.13 -12.03 16.05
CA ASP A 133 14.30 -12.77 15.14
C ASP A 133 13.51 -11.75 14.32
N LEU A 134 13.68 -11.79 13.01
CA LEU A 134 13.06 -10.80 12.12
C LEU A 134 11.62 -11.17 11.78
N ARG A 135 11.27 -12.44 11.96
CA ARG A 135 9.94 -12.93 11.60
C ARG A 135 8.77 -12.20 12.28
N PRO A 136 8.87 -11.92 13.59
CA PRO A 136 7.81 -11.10 14.19
C PRO A 136 7.59 -9.74 13.51
N TYR A 137 8.66 -9.17 12.95
CA TYR A 137 8.58 -7.81 12.42
C TYR A 137 8.41 -7.70 10.90
N SER A 138 8.31 -8.82 10.19
CA SER A 138 8.17 -8.76 8.73
C SER A 138 6.71 -8.66 8.31
N GLY B 3 -31.22 8.70 -4.00
CA GLY B 3 -30.30 8.99 -5.10
C GLY B 3 -29.20 10.03 -4.97
N PRO B 4 -29.55 11.27 -4.58
CA PRO B 4 -28.52 12.33 -4.52
C PRO B 4 -27.37 12.07 -3.55
N SER B 5 -27.58 11.19 -2.57
CA SER B 5 -26.55 10.90 -1.56
C SER B 5 -25.76 9.62 -1.90
N ASP B 6 -26.13 8.94 -2.98
CA ASP B 6 -25.46 7.71 -3.37
C ASP B 6 -24.00 7.94 -3.75
N MET B 7 -23.11 7.15 -3.16
CA MET B 7 -21.67 7.28 -3.39
C MET B 7 -21.20 6.44 -4.58
N PHE B 8 -22.02 6.39 -5.62
CA PHE B 8 -21.69 5.65 -6.83
C PHE B 8 -22.52 6.22 -7.96
N VAL B 9 -22.16 5.89 -9.19
CA VAL B 9 -22.94 6.34 -10.32
C VAL B 9 -23.55 5.13 -11.03
N HIS B 10 -24.87 5.18 -11.23
CA HIS B 10 -25.59 4.06 -11.81
C HIS B 10 -26.32 4.50 -13.08
N THR B 11 -25.73 4.19 -14.23
CA THR B 11 -26.33 4.53 -15.51
C THR B 11 -27.20 3.39 -16.02
N ARG B 12 -27.66 3.52 -17.27
CA ARG B 12 -28.50 2.52 -17.93
C ARG B 12 -27.79 1.17 -18.04
N ASP B 13 -26.47 1.20 -18.18
CA ASP B 13 -25.68 0.01 -18.50
C ASP B 13 -24.59 -0.39 -17.51
N ALA B 14 -24.22 0.53 -16.63
CA ALA B 14 -23.03 0.33 -15.78
C ALA B 14 -23.15 0.97 -14.41
N ILE B 15 -22.29 0.51 -13.50
CA ILE B 15 -22.16 1.10 -12.17
C ILE B 15 -20.72 1.53 -12.00
N TYR B 16 -20.50 2.78 -11.62
CA TYR B 16 -19.16 3.33 -11.46
C TYR B 16 -18.88 3.58 -9.98
N LYS B 17 -17.80 3.02 -9.47
CA LYS B 17 -17.43 3.22 -8.06
C LYS B 17 -15.96 3.57 -7.94
N CYS B 18 -15.59 4.20 -6.82
CA CYS B 18 -14.20 4.37 -6.45
C CYS B 18 -13.63 3.02 -6.09
N ALA B 19 -12.51 2.67 -6.72
CA ALA B 19 -11.92 1.33 -6.59
C ALA B 19 -11.56 0.92 -5.14
N HIS B 20 -10.99 1.79 -4.37
CA HIS B 20 -10.67 1.43 -3.03
C HIS B 20 -11.86 1.16 -2.14
N LEU B 21 -13.07 1.42 -2.59
CA LEU B 21 -14.27 1.19 -1.80
C LEU B 21 -15.04 -0.06 -2.25
N THR B 22 -14.44 -0.81 -3.19
CA THR B 22 -15.06 -2.03 -3.66
C THR B 22 -13.98 -3.05 -4.03
N ASN B 23 -14.37 -4.11 -4.72
CA ASN B 23 -13.45 -5.15 -5.14
C ASN B 23 -13.87 -5.66 -6.50
N PRO B 24 -12.92 -6.11 -7.31
CA PRO B 24 -13.29 -6.57 -8.65
C PRO B 24 -14.19 -7.80 -8.56
N THR B 25 -15.16 -7.89 -9.46
CA THR B 25 -16.17 -8.96 -9.48
C THR B 25 -16.32 -9.50 -10.91
N ASP B 26 -17.32 -10.34 -11.16
CA ASP B 26 -17.45 -10.93 -12.49
C ASP B 26 -18.09 -10.00 -13.49
N GLU B 27 -18.67 -8.91 -13.03
CA GLU B 27 -19.24 -7.93 -13.92
C GLU B 27 -18.32 -6.74 -14.14
N THR B 28 -17.11 -6.81 -13.58
CA THR B 28 -16.14 -5.74 -13.78
C THR B 28 -15.77 -5.69 -15.26
N ILE B 29 -15.89 -4.50 -15.85
CA ILE B 29 -15.54 -4.29 -17.26
C ILE B 29 -14.42 -3.26 -17.40
N LEU B 30 -14.05 -2.64 -16.29
CA LEU B 30 -12.97 -1.69 -16.29
C LEU B 30 -12.44 -1.53 -14.89
N LEU B 31 -11.12 -1.64 -14.73
CA LEU B 31 -10.49 -1.38 -13.46
C LEU B 31 -9.24 -0.58 -13.69
N ALA B 32 -9.26 0.68 -13.26
CA ALA B 32 -8.14 1.57 -13.51
C ALA B 32 -7.72 2.29 -12.24
N LEU B 33 -6.65 1.81 -11.63
CA LEU B 33 -6.15 2.38 -10.39
C LEU B 33 -5.55 3.78 -10.59
N THR B 34 -5.17 4.10 -11.82
CA THR B 34 -4.64 5.43 -12.15
C THR B 34 -5.74 6.48 -12.18
N ALA B 35 -6.99 6.03 -12.06
CA ALA B 35 -8.13 6.91 -11.91
C ALA B 35 -8.96 6.55 -10.68
N ASP B 36 -8.46 5.61 -9.88
CA ASP B 36 -9.16 5.07 -8.71
C ASP B 36 -10.61 4.70 -9.07
N LEU B 37 -10.75 3.96 -10.16
CA LEU B 37 -12.08 3.73 -10.74
C LEU B 37 -12.32 2.27 -11.09
N GLN B 38 -13.49 1.79 -10.69
CA GLN B 38 -13.96 0.46 -11.09
C GLN B 38 -15.34 0.58 -11.73
N VAL B 39 -15.51 -0.09 -12.87
CA VAL B 39 -16.79 -0.05 -13.56
C VAL B 39 -17.33 -1.44 -13.73
N ASP B 40 -18.59 -1.62 -13.36
CA ASP B 40 -19.27 -2.89 -13.51
C ASP B 40 -20.44 -2.73 -14.46
N SER B 41 -20.66 -3.72 -15.31
CA SER B 41 -21.84 -3.75 -16.16
C SER B 41 -23.03 -4.09 -15.28
N THR B 42 -24.23 -3.76 -15.72
CA THR B 42 -25.39 -4.10 -14.91
C THR B 42 -26.63 -4.47 -15.71
N ASN B 43 -27.37 -5.39 -15.11
CA ASN B 43 -28.59 -5.94 -15.63
C ASN B 43 -29.81 -5.03 -15.48
N VAL B 44 -29.88 -4.30 -14.36
CA VAL B 44 -31.02 -3.40 -14.11
C VAL B 44 -30.57 -1.95 -14.35
N PRO B 45 -31.26 -1.26 -15.26
CA PRO B 45 -30.90 0.13 -15.60
C PRO B 45 -31.01 1.08 -14.41
N GLY B 46 -30.07 2.02 -14.33
CA GLY B 46 -30.07 3.04 -13.29
C GLY B 46 -30.48 4.39 -13.85
N PRO B 47 -30.75 5.35 -12.97
CA PRO B 47 -31.26 6.69 -13.36
C PRO B 47 -30.21 7.70 -13.83
N ASP B 48 -28.92 7.49 -13.56
CA ASP B 48 -27.89 8.49 -13.85
C ASP B 48 -27.48 8.51 -15.33
N VAL B 49 -26.99 9.66 -15.77
CA VAL B 49 -26.55 9.84 -17.14
C VAL B 49 -25.18 10.52 -17.18
N ILE B 50 -24.21 9.90 -17.83
CA ILE B 50 -22.92 10.55 -18.03
C ILE B 50 -22.91 11.22 -19.40
N PRO B 51 -22.90 12.53 -19.37
CA PRO B 51 -23.05 13.39 -20.53
C PRO B 51 -21.78 13.57 -21.34
N CYS B 52 -21.97 13.95 -22.58
CA CYS B 52 -20.91 13.97 -23.56
C CYS B 52 -20.46 15.39 -23.81
N CYS B 53 -20.67 16.22 -22.83
CA CYS B 53 -20.44 17.65 -22.88
C CYS B 53 -19.05 18.03 -22.35
N ASP B 54 -18.85 19.32 -22.12
CA ASP B 54 -17.54 19.86 -21.76
C ASP B 54 -17.49 20.60 -20.42
N CYS B 55 -18.63 20.68 -19.73
CA CYS B 55 -18.75 21.44 -18.49
C CYS B 55 -17.69 21.09 -17.43
N THR B 56 -17.26 22.10 -16.68
CA THR B 56 -16.32 21.92 -15.60
C THR B 56 -16.88 22.54 -14.31
N ALA B 57 -18.04 23.19 -14.44
CA ALA B 57 -18.71 23.77 -13.28
C ALA B 57 -20.05 23.08 -13.01
N GLY B 58 -20.40 22.94 -11.74
CA GLY B 58 -21.65 22.33 -11.35
C GLY B 58 -21.80 22.24 -9.85
N CYS B 59 -22.37 21.15 -9.37
CA CYS B 59 -22.58 20.94 -7.94
C CYS B 59 -22.23 19.52 -7.51
N TYR B 60 -21.80 19.35 -6.26
CA TYR B 60 -21.42 18.02 -5.77
C TYR B 60 -21.93 17.71 -4.37
N TYR B 61 -22.05 16.42 -4.10
CA TYR B 61 -22.46 15.95 -2.79
C TYR B 61 -21.27 15.83 -1.85
N SER B 62 -21.38 16.44 -0.67
CA SER B 62 -20.40 16.28 0.39
C SER B 62 -21.02 15.44 1.50
N ARG B 63 -20.47 14.25 1.72
CA ARG B 63 -21.03 13.34 2.71
C ARG B 63 -20.84 13.88 4.13
N SER B 64 -19.66 14.41 4.40
CA SER B 64 -19.32 14.92 5.71
C SER B 64 -20.18 16.12 6.13
N LYS B 65 -20.60 16.94 5.16
CA LYS B 65 -21.49 18.09 5.45
C LYS B 65 -22.97 17.76 5.21
N ASP B 66 -23.22 16.59 4.62
CA ASP B 66 -24.54 16.11 4.21
C ASP B 66 -25.38 17.17 3.47
N ARG B 67 -24.77 17.76 2.46
CA ARG B 67 -25.45 18.72 1.60
C ARG B 67 -24.70 18.83 0.27
N TYR B 68 -25.34 19.47 -0.70
CA TYR B 68 -24.67 19.77 -1.97
C TYR B 68 -24.01 21.15 -1.92
N PHE B 69 -22.90 21.28 -2.64
CA PHE B 69 -22.19 22.54 -2.80
C PHE B 69 -22.05 22.85 -4.29
N PRO B 70 -22.21 24.12 -4.69
CA PRO B 70 -21.75 24.52 -6.03
C PRO B 70 -20.23 24.43 -6.15
N VAL B 71 -19.70 24.24 -7.35
CA VAL B 71 -18.24 24.16 -7.51
C VAL B 71 -17.82 24.51 -8.94
N GLU B 72 -16.66 25.16 -9.07
CA GLU B 72 -16.04 25.44 -10.38
C GLU B 72 -14.74 24.66 -10.50
N CYS B 73 -14.62 23.82 -11.53
CA CYS B 73 -13.43 22.99 -11.64
C CYS B 73 -12.56 23.30 -12.84
N VAL B 74 -11.30 22.87 -12.73
CA VAL B 74 -10.37 22.89 -13.85
C VAL B 74 -10.08 21.45 -14.23
N SER B 75 -10.10 21.18 -15.52
CA SER B 75 -9.78 19.87 -16.02
C SER B 75 -8.26 19.70 -15.99
N HIS B 76 -7.79 18.53 -15.57
CA HIS B 76 -6.34 18.22 -15.59
C HIS B 76 -6.06 16.88 -16.25
N ASP B 77 -5.12 16.85 -17.19
CA ASP B 77 -4.74 15.57 -17.77
C ASP B 77 -4.19 14.65 -16.68
N TRP B 78 -3.36 15.16 -15.79
CA TRP B 78 -2.98 14.37 -14.63
C TRP B 78 -2.57 15.26 -13.47
N TYR B 79 -2.58 14.68 -12.27
CA TYR B 79 -2.35 15.46 -11.07
C TYR B 79 -1.83 14.57 -9.95
N GLU B 80 -0.98 15.12 -9.10
CA GLU B 80 -0.45 14.36 -7.98
C GLU B 80 -1.42 14.26 -6.82
N ILE B 81 -1.84 13.03 -6.50
CA ILE B 81 -2.66 12.79 -5.30
C ILE B 81 -1.74 12.42 -4.14
N GLN B 82 -1.89 13.12 -3.02
CA GLN B 82 -1.04 12.85 -1.86
C GLN B 82 -1.48 11.57 -1.12
N GLU B 83 -0.56 11.05 -0.30
CA GLU B 83 -0.75 9.84 0.50
C GLU B 83 -2.05 9.74 1.30
N SER B 84 -2.69 8.58 1.19
CA SER B 84 -3.85 8.25 2.00
C SER B 84 -3.53 6.90 2.64
N GLY B 85 -4.52 6.29 3.26
CA GLY B 85 -4.36 4.99 3.89
C GLY B 85 -4.49 3.86 2.89
N TYR B 86 -5.16 4.15 1.78
CA TYR B 86 -5.35 3.16 0.73
C TYR B 86 -4.28 3.27 -0.35
N TYR B 87 -3.70 4.46 -0.49
CA TYR B 87 -2.68 4.67 -1.53
C TYR B 87 -1.46 5.43 -1.00
N PRO B 88 -0.27 5.06 -1.50
CA PRO B 88 0.87 5.97 -1.33
C PRO B 88 0.67 7.20 -2.22
N LYS B 89 1.48 8.24 -2.05
CA LYS B 89 1.43 9.41 -2.92
C LYS B 89 1.66 8.99 -4.39
N HIS B 90 0.78 9.44 -5.28
CA HIS B 90 0.76 8.96 -6.66
C HIS B 90 0.08 9.90 -7.66
N ILE B 91 0.27 9.63 -8.93
CA ILE B 91 -0.34 10.39 -10.01
C ILE B 91 -1.69 9.78 -10.44
N GLN B 92 -2.71 10.62 -10.62
CA GLN B 92 -3.96 10.18 -11.21
C GLN B 92 -4.29 10.96 -12.48
N TYR B 93 -5.16 10.39 -13.32
CA TYR B 93 -5.46 10.98 -14.61
C TYR B 93 -6.92 11.43 -14.74
N ASN B 94 -7.14 12.40 -15.63
CA ASN B 94 -8.46 12.95 -15.92
C ASN B 94 -9.17 13.42 -14.68
N LEU B 95 -8.64 14.46 -14.08
CA LEU B 95 -9.20 14.98 -12.86
C LEU B 95 -9.88 16.31 -13.12
N LEU B 96 -10.95 16.56 -12.37
CA LEU B 96 -11.52 17.88 -12.20
C LEU B 96 -11.17 18.36 -10.81
N ILE B 97 -10.54 19.52 -10.71
CA ILE B 97 -10.09 20.05 -9.43
C ILE B 97 -10.78 21.37 -9.14
N GLY B 98 -11.38 21.48 -7.96
CA GLY B 98 -12.06 22.71 -7.60
C GLY B 98 -11.84 23.12 -6.16
N GLU B 99 -12.18 24.37 -5.85
CA GLU B 99 -12.18 24.81 -4.47
C GLU B 99 -13.47 24.32 -3.80
N GLY B 100 -13.35 23.77 -2.61
CA GLY B 100 -14.49 23.21 -1.91
C GLY B 100 -14.04 22.34 -0.74
N HIS B 101 -14.95 22.10 0.20
CA HIS B 101 -14.65 21.28 1.36
C HIS B 101 -14.56 19.78 1.05
N CYS B 102 -13.54 19.12 1.58
CA CYS B 102 -13.39 17.68 1.38
C CYS B 102 -12.64 16.97 2.52
N GLU B 103 -13.19 15.86 3.00
CA GLU B 103 -12.59 15.07 4.08
C GLU B 103 -12.44 13.60 3.70
N PRO B 104 -11.60 12.85 4.43
CA PRO B 104 -11.61 11.39 4.24
C PRO B 104 -13.01 10.84 4.45
N GLY B 105 -13.49 10.01 3.52
CA GLY B 105 -14.82 9.46 3.62
C GLY B 105 -15.81 10.07 2.65
N ASP B 106 -15.39 11.14 1.98
CA ASP B 106 -16.26 11.81 1.00
C ASP B 106 -16.10 11.23 -0.41
N CYS B 107 -15.13 10.35 -0.59
CA CYS B 107 -14.87 9.78 -1.91
C CYS B 107 -16.10 9.05 -2.45
N GLY B 108 -16.42 9.26 -3.72
CA GLY B 108 -17.58 8.64 -4.31
C GLY B 108 -18.74 9.60 -4.47
N GLY B 109 -18.71 10.72 -3.74
CA GLY B 109 -19.72 11.75 -3.86
C GLY B 109 -19.82 12.28 -5.28
N LYS B 110 -21.05 12.44 -5.78
CA LYS B 110 -21.23 12.75 -7.18
C LYS B 110 -21.03 14.21 -7.52
N LEU B 111 -20.47 14.45 -8.70
CA LEU B 111 -20.37 15.79 -9.26
C LEU B 111 -21.32 15.91 -10.46
N LEU B 112 -22.22 16.88 -10.44
CA LEU B 112 -23.17 17.00 -11.55
C LEU B 112 -23.10 18.34 -12.27
N CYS B 113 -23.21 18.31 -13.59
CA CYS B 113 -23.49 19.54 -14.32
C CYS B 113 -24.96 19.49 -14.70
N LYS B 114 -25.43 20.43 -15.53
CA LYS B 114 -26.84 20.43 -15.89
C LYS B 114 -27.23 19.14 -16.64
N HIS B 115 -26.32 18.62 -17.44
CA HIS B 115 -26.62 17.49 -18.33
C HIS B 115 -26.50 16.12 -17.67
N GLY B 116 -25.89 16.05 -16.50
CA GLY B 116 -25.80 14.80 -15.78
C GLY B 116 -24.59 14.69 -14.89
N VAL B 117 -24.25 13.46 -14.52
CA VAL B 117 -23.12 13.20 -13.65
C VAL B 117 -21.81 13.16 -14.44
N ILE B 118 -20.84 13.98 -14.05
CA ILE B 118 -19.58 14.04 -14.77
C ILE B 118 -18.39 13.58 -13.94
N GLY B 119 -18.62 13.33 -12.66
CA GLY B 119 -17.51 12.96 -11.78
C GLY B 119 -17.88 12.39 -10.42
N MET B 120 -16.85 11.90 -9.73
CA MET B 120 -16.96 11.36 -8.38
C MET B 120 -15.74 11.86 -7.57
N ILE B 121 -15.95 12.26 -6.33
CA ILE B 121 -14.83 12.68 -5.50
C ILE B 121 -13.82 11.56 -5.36
N THR B 122 -12.55 11.86 -5.58
CA THR B 122 -11.53 10.82 -5.52
C THR B 122 -10.44 11.20 -4.53
N ALA B 123 -10.40 12.49 -4.20
CA ALA B 123 -9.39 13.03 -3.31
C ALA B 123 -9.75 14.45 -2.94
N GLY B 124 -9.05 14.97 -1.95
CA GLY B 124 -9.22 16.36 -1.58
C GLY B 124 -8.24 16.73 -0.49
N GLY B 125 -8.08 18.03 -0.25
CA GLY B 125 -7.15 18.48 0.76
C GLY B 125 -7.52 19.81 1.41
N ASP B 126 -6.58 20.75 1.34
CA ASP B 126 -6.77 22.07 1.94
C ASP B 126 -7.77 22.87 1.12
N ASN B 127 -9.04 22.73 1.48
CA ASN B 127 -10.16 23.39 0.80
C ASN B 127 -10.11 23.12 -0.73
N HIS B 128 -9.52 21.99 -1.10
CA HIS B 128 -9.59 21.50 -2.46
C HIS B 128 -10.23 20.14 -2.53
N VAL B 129 -11.04 19.94 -3.55
CA VAL B 129 -11.68 18.67 -3.79
C VAL B 129 -11.37 18.22 -5.21
N ALA B 130 -11.01 16.96 -5.37
CA ALA B 130 -10.67 16.40 -6.67
C ALA B 130 -11.68 15.35 -7.07
N PHE B 131 -12.16 15.45 -8.31
CA PHE B 131 -13.08 14.47 -8.86
C PHE B 131 -12.41 13.69 -9.97
N THR B 132 -12.71 12.41 -10.08
CA THR B 132 -12.40 11.68 -11.31
C THR B 132 -13.43 12.05 -12.36
N ASP B 133 -12.95 12.48 -13.53
CA ASP B 133 -13.84 12.80 -14.64
C ASP B 133 -14.29 11.50 -15.31
N LEU B 134 -15.60 11.26 -15.29
CA LEU B 134 -16.16 10.00 -15.79
C LEU B 134 -16.38 10.01 -17.30
N ARG B 135 -16.44 11.19 -17.89
CA ARG B 135 -16.74 11.29 -19.32
C ARG B 135 -15.76 10.50 -20.21
N PRO B 136 -14.44 10.58 -19.94
CA PRO B 136 -13.54 9.71 -20.71
C PRO B 136 -13.85 8.22 -20.60
N TYR B 137 -14.40 7.79 -19.45
CA TYR B 137 -14.60 6.37 -19.19
C TYR B 137 -16.03 5.87 -19.47
N SER B 138 -16.90 6.75 -19.95
CA SER B 138 -18.26 6.36 -20.28
C SER B 138 -18.38 5.91 -21.73
N SER B 139 -19.23 4.91 -21.96
CA SER B 139 -19.56 4.44 -23.31
C SER B 139 -20.84 3.62 -23.30
N GLY C 3 -3.54 23.93 25.73
CA GLY C 3 -3.05 22.62 26.14
C GLY C 3 -4.01 21.45 25.96
N PRO C 4 -5.23 21.56 26.52
CA PRO C 4 -6.21 20.48 26.42
C PRO C 4 -6.64 20.16 25.00
N SER C 5 -6.43 21.09 24.07
CA SER C 5 -6.88 20.90 22.70
C SER C 5 -5.77 20.35 21.81
N ASP C 6 -4.56 20.24 22.37
CA ASP C 6 -3.42 19.77 21.61
C ASP C 6 -3.60 18.30 21.21
N MET C 7 -3.43 18.02 19.92
CA MET C 7 -3.61 16.67 19.38
C MET C 7 -2.34 15.83 19.43
N PHE C 8 -1.58 15.97 20.51
CA PHE C 8 -0.35 15.21 20.70
C PHE C 8 -0.08 15.15 22.18
N VAL C 9 0.85 14.29 22.59
CA VAL C 9 1.21 14.22 23.99
C VAL C 9 2.67 14.60 24.16
N HIS C 10 2.93 15.56 25.03
CA HIS C 10 4.26 16.10 25.21
C HIS C 10 4.70 15.92 26.66
N THR C 11 5.51 14.90 26.92
CA THR C 11 5.96 14.63 28.27
C THR C 11 7.27 15.36 28.56
N ARG C 12 7.89 15.10 29.71
CA ARG C 12 9.15 15.77 30.02
C ARG C 12 10.27 15.43 29.02
N ASP C 13 10.27 14.22 28.48
CA ASP C 13 11.37 13.79 27.60
C ASP C 13 10.94 13.35 26.18
N ALA C 14 9.64 13.25 25.92
CA ALA C 14 9.19 12.69 24.65
C ALA C 14 7.93 13.35 24.08
N ILE C 15 7.73 13.20 22.77
CA ILE C 15 6.51 13.64 22.10
C ILE C 15 5.84 12.46 21.40
N TYR C 16 4.55 12.29 21.66
CA TYR C 16 3.79 11.18 21.10
C TYR C 16 2.76 11.70 20.11
N LYS C 17 2.81 11.20 18.89
CA LYS C 17 1.85 11.59 17.86
C LYS C 17 1.29 10.37 17.13
N CYS C 18 0.15 10.57 16.49
CA CYS C 18 -0.41 9.59 15.57
C CYS C 18 0.47 9.54 14.34
N ALA C 19 0.88 8.32 13.96
CA ALA C 19 1.83 8.16 12.85
C ALA C 19 1.28 8.77 11.55
N HIS C 20 0.04 8.61 11.25
CA HIS C 20 -0.39 9.17 10.01
C HIS C 20 -0.50 10.68 9.98
N LEU C 21 -0.29 11.34 11.12
CA LEU C 21 -0.32 12.79 11.18
C LEU C 21 1.08 13.43 11.18
N THR C 22 2.12 12.61 11.05
CA THR C 22 3.46 13.15 11.05
C THR C 22 4.37 12.32 10.14
N ASN C 23 5.68 12.52 10.26
CA ASN C 23 6.66 11.78 9.47
C ASN C 23 7.88 11.51 10.32
N PRO C 24 8.58 10.40 10.03
CA PRO C 24 9.76 10.11 10.85
C PRO C 24 10.83 11.17 10.67
N THR C 25 11.52 11.45 11.78
CA THR C 25 12.53 12.48 11.83
C THR C 25 13.76 11.90 12.53
N ASP C 26 14.70 12.78 12.86
CA ASP C 26 15.97 12.33 13.41
C ASP C 26 15.89 12.06 14.91
N GLU C 27 14.82 12.53 15.54
CA GLU C 27 14.60 12.32 16.97
C GLU C 27 13.61 11.21 17.25
N THR C 28 13.14 10.56 16.20
CA THR C 28 12.21 9.46 16.35
C THR C 28 12.90 8.33 17.12
N ILE C 29 12.25 7.88 18.18
CA ILE C 29 12.77 6.80 19.00
C ILE C 29 11.84 5.59 18.99
N LEU C 30 10.66 5.75 18.39
CA LEU C 30 9.71 4.64 18.27
C LEU C 30 8.75 4.90 17.12
N LEU C 31 8.59 3.90 16.26
CA LEU C 31 7.60 3.95 15.21
C LEU C 31 6.92 2.60 15.06
N ALA C 32 5.64 2.56 15.41
CA ALA C 32 4.86 1.33 15.37
C ALA C 32 3.56 1.63 14.64
N LEU C 33 3.52 1.26 13.36
CA LEU C 33 2.35 1.53 12.53
C LEU C 33 1.15 0.68 12.94
N THR C 34 1.41 -0.42 13.64
CA THR C 34 0.35 -1.29 14.15
C THR C 34 -0.37 -0.70 15.35
N ALA C 35 0.15 0.42 15.87
CA ALA C 35 -0.53 1.16 16.92
C ALA C 35 -0.75 2.59 16.48
N ASP C 36 -0.46 2.86 15.20
CA ASP C 36 -0.53 4.20 14.63
C ASP C 36 0.21 5.20 15.51
N LEU C 37 1.43 4.86 15.91
CA LEU C 37 2.11 5.68 16.90
C LEU C 37 3.54 6.00 16.53
N GLN C 38 3.88 7.27 16.65
CA GLN C 38 5.26 7.73 16.48
C GLN C 38 5.66 8.52 17.73
N VAL C 39 6.83 8.20 18.27
CA VAL C 39 7.35 8.87 19.44
C VAL C 39 8.70 9.49 19.15
N ASP C 40 8.84 10.76 19.52
CA ASP C 40 10.10 11.49 19.35
C ASP C 40 10.66 11.91 20.70
N SER C 41 11.98 11.86 20.85
CA SER C 41 12.62 12.42 22.03
C SER C 41 12.59 13.93 21.92
N THR C 42 12.72 14.62 23.04
CA THR C 42 12.73 16.07 22.97
C THR C 42 13.61 16.73 24.01
N ASN C 43 14.20 17.86 23.60
CA ASN C 43 15.08 18.70 24.41
C ASN C 43 14.31 19.54 25.43
N VAL C 44 13.09 19.94 25.03
CA VAL C 44 12.23 20.79 25.84
C VAL C 44 11.17 20.00 26.58
N PRO C 45 11.21 20.04 27.92
CA PRO C 45 10.22 19.28 28.70
C PRO C 45 8.81 19.77 28.44
N GLY C 46 7.86 18.84 28.37
CA GLY C 46 6.46 19.16 28.18
C GLY C 46 5.72 18.95 29.48
N PRO C 47 4.47 19.42 29.55
CA PRO C 47 3.67 19.36 30.78
C PRO C 47 2.96 18.02 31.03
N ASP C 48 2.84 17.16 30.03
CA ASP C 48 2.04 15.94 30.16
C ASP C 48 2.76 14.81 30.90
N VAL C 49 1.98 13.92 31.49
CA VAL C 49 2.49 12.79 32.23
C VAL C 49 1.74 11.51 31.84
N ILE C 50 2.48 10.50 31.37
CA ILE C 50 1.88 9.19 31.10
C ILE C 50 2.10 8.30 32.31
N PRO C 51 1.03 8.07 33.02
CA PRO C 51 1.00 7.34 34.27
C PRO C 51 1.07 5.83 34.14
N CYS C 52 1.40 5.18 35.22
CA CYS C 52 1.55 3.75 35.22
C CYS C 52 0.47 3.11 36.04
N CYS C 53 -0.72 3.61 35.85
CA CYS C 53 -1.92 3.13 36.52
C CYS C 53 -2.70 2.12 35.68
N ASP C 54 -3.92 1.82 36.11
CA ASP C 54 -4.72 0.75 35.52
C ASP C 54 -6.04 1.24 34.95
N CYS C 55 -6.31 2.53 35.13
CA CYS C 55 -7.58 3.12 34.70
C CYS C 55 -7.91 2.86 33.24
N THR C 56 -9.20 2.70 32.96
CA THR C 56 -9.71 2.56 31.62
C THR C 56 -10.81 3.60 31.40
N ALA C 57 -11.10 4.33 32.47
CA ALA C 57 -12.09 5.40 32.44
C ALA C 57 -11.48 6.78 32.67
N GLY C 58 -12.02 7.76 31.96
CA GLY C 58 -11.60 9.14 32.12
C GLY C 58 -12.35 10.07 31.20
N CYS C 59 -11.65 11.06 30.69
CA CYS C 59 -12.28 12.02 29.80
C CYS C 59 -11.38 12.26 28.61
N TYR C 60 -11.99 12.60 27.48
CA TYR C 60 -11.20 12.83 26.28
C TYR C 60 -11.66 14.06 25.51
N TYR C 61 -10.73 14.64 24.74
CA TYR C 61 -11.03 15.79 23.91
C TYR C 61 -11.60 15.39 22.55
N SER C 62 -12.75 15.97 22.20
CA SER C 62 -13.33 15.82 20.87
C SER C 62 -13.15 17.10 20.07
N ARG C 63 -12.34 17.04 19.01
CA ARG C 63 -12.06 18.21 18.19
C ARG C 63 -13.26 18.67 17.37
N SER C 64 -14.00 17.71 16.83
CA SER C 64 -15.19 17.97 16.02
C SER C 64 -16.28 18.65 16.82
N LYS C 65 -16.38 18.33 18.11
CA LYS C 65 -17.34 18.97 19.02
C LYS C 65 -16.72 20.11 19.83
N ASP C 66 -15.39 20.19 19.80
CA ASP C 66 -14.59 21.14 20.60
C ASP C 66 -14.98 21.20 22.08
N ARG C 67 -15.02 20.02 22.70
CA ARG C 67 -15.25 19.91 24.13
C ARG C 67 -14.73 18.57 24.66
N TYR C 68 -14.63 18.44 25.98
CA TYR C 68 -14.27 17.17 26.58
C TYR C 68 -15.50 16.32 26.90
N PHE C 69 -15.36 14.99 26.81
CA PHE C 69 -16.39 14.01 27.15
C PHE C 69 -15.90 13.02 28.19
N PRO C 70 -16.76 12.63 29.15
CA PRO C 70 -16.44 11.43 29.96
C PRO C 70 -16.52 10.14 29.11
N VAL C 71 -15.72 9.12 29.46
CA VAL C 71 -15.77 7.87 28.71
C VAL C 71 -15.24 6.68 29.53
N GLU C 72 -15.85 5.51 29.34
CA GLU C 72 -15.38 4.25 29.90
C GLU C 72 -14.95 3.31 28.78
N CYS C 73 -13.73 2.81 28.87
CA CYS C 73 -13.18 1.99 27.80
C CYS C 73 -12.92 0.55 28.22
N VAL C 74 -12.77 -0.30 27.22
CA VAL C 74 -12.30 -1.67 27.45
C VAL C 74 -10.92 -1.81 26.79
N SER C 75 -10.00 -2.45 27.50
CA SER C 75 -8.68 -2.74 26.93
C SER C 75 -8.71 -3.92 25.98
N HIS C 76 -8.00 -3.79 24.86
CA HIS C 76 -7.84 -4.90 23.93
C HIS C 76 -6.38 -5.10 23.58
N ASP C 77 -5.88 -6.32 23.65
CA ASP C 77 -4.53 -6.57 23.18
C ASP C 77 -4.48 -6.25 21.69
N TRP C 78 -5.50 -6.66 20.95
CA TRP C 78 -5.63 -6.21 19.58
C TRP C 78 -7.10 -6.27 19.19
N TYR C 79 -7.45 -5.51 18.16
CA TYR C 79 -8.81 -5.39 17.71
C TYR C 79 -8.84 -5.00 16.24
N GLU C 80 -9.78 -5.56 15.50
CA GLU C 80 -9.91 -5.19 14.10
C GLU C 80 -10.74 -3.92 13.98
N ILE C 81 -10.12 -2.89 13.40
CA ILE C 81 -10.79 -1.64 13.11
C ILE C 81 -11.42 -1.74 11.72
N GLN C 82 -12.72 -1.46 11.62
CA GLN C 82 -13.41 -1.56 10.35
C GLN C 82 -13.02 -0.44 9.39
N GLU C 83 -13.30 -0.66 8.12
CA GLU C 83 -13.11 0.34 7.07
C GLU C 83 -13.65 1.71 7.55
N SER C 84 -12.88 2.77 7.31
CA SER C 84 -13.30 4.09 7.76
C SER C 84 -13.42 5.11 6.64
N GLY C 85 -12.28 5.50 6.08
CA GLY C 85 -12.25 6.48 5.01
C GLY C 85 -10.80 6.85 4.85
N TYR C 86 -10.04 6.75 5.95
CA TYR C 86 -8.61 6.96 5.85
C TYR C 86 -7.91 5.62 5.82
N TYR C 87 -8.53 4.60 6.40
CA TYR C 87 -7.95 3.26 6.39
C TYR C 87 -8.94 2.18 5.99
N PRO C 88 -8.44 1.17 5.27
CA PRO C 88 -9.15 -0.10 5.10
C PRO C 88 -9.11 -0.89 6.41
N LYS C 89 -9.86 -1.98 6.45
CA LYS C 89 -9.85 -2.88 7.59
C LYS C 89 -8.44 -3.32 7.96
N HIS C 90 -8.10 -3.22 9.24
CA HIS C 90 -6.78 -3.60 9.72
C HIS C 90 -6.81 -3.87 11.21
N ILE C 91 -5.79 -4.57 11.70
CA ILE C 91 -5.65 -4.86 13.12
C ILE C 91 -4.81 -3.77 13.78
N GLN C 92 -5.25 -3.29 14.95
CA GLN C 92 -4.37 -2.45 15.75
C GLN C 92 -4.18 -3.05 17.12
N TYR C 93 -3.09 -2.68 17.80
CA TYR C 93 -2.74 -3.27 19.07
C TYR C 93 -2.85 -2.25 20.18
N ASN C 94 -3.08 -2.74 21.41
CA ASN C 94 -3.17 -1.91 22.61
C ASN C 94 -4.20 -0.80 22.48
N LEU C 95 -5.45 -1.19 22.37
CA LEU C 95 -6.54 -0.25 22.20
C LEU C 95 -7.37 -0.10 23.44
N LEU C 96 -7.85 1.11 23.66
CA LEU C 96 -8.96 1.34 24.58
C LEU C 96 -10.17 1.70 23.74
N ILE C 97 -11.26 0.96 23.90
CA ILE C 97 -12.47 1.24 23.12
C ILE C 97 -13.66 1.58 23.98
N GLY C 98 -14.29 2.72 23.67
CA GLY C 98 -15.45 3.18 24.41
C GLY C 98 -16.58 3.73 23.57
N GLU C 99 -17.73 3.91 24.21
CA GLU C 99 -18.84 4.60 23.56
C GLU C 99 -18.60 6.10 23.63
N GLY C 100 -18.76 6.78 22.49
CA GLY C 100 -18.50 8.19 22.40
C GLY C 100 -18.44 8.67 20.96
N HIS C 101 -18.62 9.97 20.77
CA HIS C 101 -18.61 10.55 19.44
C HIS C 101 -17.19 10.65 18.85
N CYS C 102 -17.04 10.28 17.59
CA CYS C 102 -15.76 10.40 16.89
C CYS C 102 -15.93 10.57 15.38
N GLU C 103 -15.22 11.54 14.81
CA GLU C 103 -15.29 11.82 13.37
C GLU C 103 -13.90 11.88 12.76
N PRO C 104 -13.81 11.82 11.43
CA PRO C 104 -12.52 12.10 10.78
C PRO C 104 -11.95 13.46 11.22
N GLY C 105 -10.69 13.46 11.61
CA GLY C 105 -10.04 14.67 12.05
C GLY C 105 -9.84 14.72 13.54
N ASP C 106 -10.45 13.78 14.25
CA ASP C 106 -10.37 13.76 15.71
C ASP C 106 -9.16 12.99 16.25
N CYS C 107 -8.44 12.30 15.37
CA CYS C 107 -7.27 11.52 15.79
C CYS C 107 -6.21 12.42 16.45
N GLY C 108 -5.69 11.95 17.58
CA GLY C 108 -4.69 12.68 18.33
C GLY C 108 -5.21 13.30 19.61
N GLY C 109 -6.54 13.44 19.69
CA GLY C 109 -7.19 13.97 20.88
C GLY C 109 -6.85 13.16 22.11
N LYS C 110 -6.57 13.85 23.22
CA LYS C 110 -6.09 13.18 24.42
C LYS C 110 -7.19 12.50 25.25
N LEU C 111 -6.85 11.35 25.82
CA LEU C 111 -7.66 10.66 26.81
C LEU C 111 -6.93 10.75 28.16
N LEU C 112 -7.59 11.28 29.16
CA LEU C 112 -6.95 11.44 30.47
C LEU C 112 -7.68 10.69 31.58
N CYS C 113 -6.91 10.10 32.48
CA CYS C 113 -7.47 9.66 33.75
C CYS C 113 -7.03 10.69 34.80
N LYS C 114 -7.27 10.41 36.07
CA LYS C 114 -6.88 11.34 37.12
C LYS C 114 -5.36 11.59 37.13
N HIS C 115 -4.60 10.54 36.82
CA HIS C 115 -3.15 10.57 36.98
C HIS C 115 -2.41 11.17 35.78
N GLY C 116 -3.08 11.29 34.66
CA GLY C 116 -2.45 11.88 33.49
C GLY C 116 -3.01 11.37 32.17
N VAL C 117 -2.21 11.53 31.13
CA VAL C 117 -2.59 11.13 29.80
C VAL C 117 -2.34 9.65 29.55
N ILE C 118 -3.38 8.92 29.18
CA ILE C 118 -3.21 7.49 28.97
C ILE C 118 -3.47 7.05 27.54
N GLY C 119 -3.98 7.95 26.70
CA GLY C 119 -4.32 7.55 25.35
C GLY C 119 -4.56 8.66 24.36
N MET C 120 -4.64 8.29 23.09
CA MET C 120 -4.94 9.22 22.01
C MET C 120 -5.90 8.58 21.02
N ILE C 121 -6.89 9.35 20.56
CA ILE C 121 -7.84 8.86 19.58
C ILE C 121 -7.12 8.38 18.34
N THR C 122 -7.43 7.16 17.91
CA THR C 122 -6.74 6.59 16.77
C THR C 122 -7.73 6.18 15.68
N ALA C 123 -8.97 5.98 16.10
CA ALA C 123 -10.03 5.60 15.18
C ALA C 123 -11.33 5.61 15.92
N GLY C 124 -12.41 5.60 15.16
CA GLY C 124 -13.72 5.44 15.75
C GLY C 124 -14.75 5.46 14.65
N GLY C 125 -15.95 5.00 14.99
CA GLY C 125 -17.01 4.96 14.01
C GLY C 125 -18.11 5.77 14.63
N ASP C 126 -19.35 5.38 14.39
CA ASP C 126 -20.47 6.11 14.98
C ASP C 126 -20.63 5.74 16.44
N ASN C 127 -20.61 6.76 17.29
CA ASN C 127 -20.76 6.52 18.72
C ASN C 127 -19.79 5.48 19.28
N HIS C 128 -18.69 5.26 18.56
CA HIS C 128 -17.60 4.48 19.13
C HIS C 128 -16.29 5.20 18.91
N VAL C 129 -15.45 5.24 19.93
CA VAL C 129 -14.17 5.90 19.81
C VAL C 129 -13.07 4.95 20.30
N ALA C 130 -11.99 4.85 19.54
CA ALA C 130 -10.88 3.98 19.88
C ALA C 130 -9.61 4.78 20.16
N PHE C 131 -8.96 4.48 21.28
CA PHE C 131 -7.74 5.17 21.66
C PHE C 131 -6.56 4.21 21.61
N THR C 132 -5.40 4.69 21.17
CA THR C 132 -4.15 3.97 21.40
C THR C 132 -3.71 4.19 22.83
N ASP C 133 -3.48 3.07 23.54
CA ASP C 133 -3.01 3.12 24.90
C ASP C 133 -1.53 3.45 24.94
N LEU C 134 -1.17 4.55 25.58
CA LEU C 134 0.20 5.04 25.58
C LEU C 134 1.09 4.38 26.62
N ARG C 135 0.48 3.81 27.64
CA ARG C 135 1.22 3.23 28.75
C ARG C 135 2.22 2.11 28.38
N PRO C 136 1.82 1.16 27.51
CA PRO C 136 2.83 0.19 27.07
C PRO C 136 4.03 0.84 26.38
N TYR C 137 3.80 1.99 25.75
CA TYR C 137 4.84 2.64 24.95
C TYR C 137 5.58 3.75 25.70
N SER C 138 5.24 3.97 26.97
CA SER C 138 5.92 5.00 27.75
C SER C 138 7.20 4.41 28.35
N SER C 139 8.25 5.24 28.36
CA SER C 139 9.57 4.92 28.90
C SER C 139 9.55 4.17 30.23
N GLY D 3 8.01 -23.01 -20.52
CA GLY D 3 8.03 -21.56 -20.35
C GLY D 3 7.84 -20.70 -21.59
N PRO D 4 8.64 -20.95 -22.64
CA PRO D 4 8.50 -20.12 -23.85
C PRO D 4 7.12 -20.22 -24.51
N SER D 5 6.37 -21.26 -24.19
CA SER D 5 5.07 -21.52 -24.81
C SER D 5 3.89 -20.91 -24.04
N ASP D 6 4.15 -20.33 -22.88
CA ASP D 6 3.07 -19.79 -22.05
C ASP D 6 2.35 -18.61 -22.73
N MET D 7 1.02 -18.68 -22.79
CA MET D 7 0.21 -17.63 -23.40
C MET D 7 -0.16 -16.56 -22.38
N PHE D 8 0.78 -16.25 -21.50
CA PHE D 8 0.59 -15.23 -20.47
C PHE D 8 1.97 -14.74 -20.05
N VAL D 9 2.01 -13.63 -19.34
CA VAL D 9 3.27 -13.13 -18.81
C VAL D 9 3.17 -13.15 -17.29
N HIS D 10 4.16 -13.77 -16.66
CA HIS D 10 4.18 -13.95 -15.22
C HIS D 10 5.46 -13.33 -14.68
N THR D 11 5.36 -12.10 -14.16
CA THR D 11 6.53 -11.39 -13.65
C THR D 11 6.73 -11.73 -12.18
N ARG D 12 7.64 -11.02 -11.53
CA ARG D 12 7.94 -11.29 -10.13
C ARG D 12 6.71 -11.10 -9.24
N ASP D 13 5.85 -10.16 -9.57
CA ASP D 13 4.72 -9.83 -8.70
C ASP D 13 3.34 -9.94 -9.38
N ALA D 14 3.32 -10.12 -10.70
CA ALA D 14 2.06 -10.01 -11.43
C ALA D 14 1.88 -11.02 -12.58
N ILE D 15 0.63 -11.25 -12.96
CA ILE D 15 0.31 -12.08 -14.11
C ILE D 15 -0.50 -11.28 -15.13
N TYR D 16 -0.04 -11.30 -16.37
CA TYR D 16 -0.67 -10.55 -17.44
C TYR D 16 -1.34 -11.50 -18.42
N LYS D 17 -2.63 -11.33 -18.65
CA LYS D 17 -3.37 -12.16 -19.59
C LYS D 17 -4.26 -11.36 -20.54
N CYS D 18 -4.60 -11.98 -21.66
CA CYS D 18 -5.62 -11.46 -22.56
C CYS D 18 -6.96 -11.56 -21.87
N ALA D 19 -7.70 -10.45 -21.84
CA ALA D 19 -8.97 -10.36 -21.14
C ALA D 19 -10.00 -11.39 -21.66
N HIS D 20 -10.06 -11.63 -22.93
CA HIS D 20 -11.00 -12.58 -23.38
C HIS D 20 -10.67 -14.03 -23.01
N LEU D 21 -9.49 -14.29 -22.51
CA LEU D 21 -9.12 -15.62 -22.01
C LEU D 21 -9.21 -15.79 -20.50
N THR D 22 -9.70 -14.79 -19.78
CA THR D 22 -9.83 -14.96 -18.35
C THR D 22 -11.04 -14.18 -17.83
N ASN D 23 -11.14 -14.03 -16.51
CA ASN D 23 -12.23 -13.29 -15.88
C ASN D 23 -11.74 -12.59 -14.63
N PRO D 24 -12.36 -11.45 -14.28
CA PRO D 24 -11.90 -10.68 -13.12
C PRO D 24 -12.08 -11.45 -11.81
N THR D 25 -11.10 -11.27 -10.93
CA THR D 25 -11.03 -11.94 -9.63
C THR D 25 -10.65 -10.90 -8.59
N ASP D 26 -10.38 -11.33 -7.36
CA ASP D 26 -10.10 -10.36 -6.31
C ASP D 26 -8.64 -9.90 -6.33
N GLU D 27 -7.80 -10.59 -7.10
CA GLU D 27 -6.43 -10.17 -7.22
C GLU D 27 -6.24 -9.36 -8.49
N THR D 28 -7.32 -9.15 -9.23
CA THR D 28 -7.26 -8.29 -10.41
C THR D 28 -6.89 -6.87 -9.99
N ILE D 29 -5.85 -6.32 -10.61
CA ILE D 29 -5.39 -4.97 -10.30
C ILE D 29 -5.50 -4.03 -11.52
N LEU D 30 -5.84 -4.60 -12.67
CA LEU D 30 -6.03 -3.81 -13.89
C LEU D 30 -6.89 -4.57 -14.89
N LEU D 31 -7.90 -3.89 -15.41
CA LEU D 31 -8.70 -4.46 -16.49
C LEU D 31 -8.97 -3.39 -17.54
N ALA D 32 -8.42 -3.59 -18.72
CA ALA D 32 -8.55 -2.62 -19.79
C ALA D 32 -8.97 -3.35 -21.06
N LEU D 33 -10.26 -3.28 -21.38
CA LEU D 33 -10.80 -3.94 -22.54
C LEU D 33 -10.33 -3.25 -23.83
N THR D 34 -9.91 -1.99 -23.71
CA THR D 34 -9.36 -1.25 -24.86
C THR D 34 -7.94 -1.70 -25.19
N ALA D 35 -7.37 -2.56 -24.36
CA ALA D 35 -6.09 -3.15 -24.68
C ALA D 35 -6.16 -4.68 -24.58
N ASP D 36 -7.39 -5.17 -24.37
CA ASP D 36 -7.66 -6.59 -24.13
C ASP D 36 -6.71 -7.14 -23.04
N LEU D 37 -6.64 -6.44 -21.93
CA LEU D 37 -5.65 -6.78 -20.92
C LEU D 37 -6.22 -6.84 -19.52
N GLN D 38 -5.87 -7.91 -18.81
CA GLN D 38 -6.17 -8.08 -17.41
C GLN D 38 -4.87 -8.38 -16.69
N VAL D 39 -4.65 -7.72 -15.56
CA VAL D 39 -3.44 -7.95 -14.76
C VAL D 39 -3.81 -8.38 -13.33
N ASP D 40 -3.20 -9.46 -12.87
CA ASP D 40 -3.45 -9.95 -11.51
C ASP D 40 -2.19 -9.93 -10.66
N SER D 41 -2.35 -9.65 -9.37
CA SER D 41 -1.26 -9.80 -8.43
C SER D 41 -1.02 -11.29 -8.15
N THR D 42 0.20 -11.64 -7.74
CA THR D 42 0.47 -13.04 -7.41
C THR D 42 1.52 -13.16 -6.31
N ASN D 43 1.31 -14.12 -5.42
CA ASN D 43 2.21 -14.37 -4.31
C ASN D 43 3.45 -15.16 -4.73
N VAL D 44 3.31 -15.98 -5.77
CA VAL D 44 4.43 -16.78 -6.25
C VAL D 44 5.12 -16.08 -7.42
N PRO D 45 6.40 -15.73 -7.24
CA PRO D 45 7.17 -15.01 -8.25
C PRO D 45 7.33 -15.78 -9.55
N GLY D 46 7.24 -15.06 -10.67
CA GLY D 46 7.36 -15.65 -11.99
C GLY D 46 8.71 -15.34 -12.62
N PRO D 47 9.04 -16.04 -13.71
CA PRO D 47 10.35 -15.93 -14.34
C PRO D 47 10.50 -14.74 -15.28
N ASP D 48 9.39 -14.15 -15.72
CA ASP D 48 9.42 -13.12 -16.76
C ASP D 48 9.80 -11.72 -16.23
N VAL D 49 10.35 -10.90 -17.12
CA VAL D 49 10.73 -9.53 -16.77
C VAL D 49 10.24 -8.58 -17.86
N ILE D 50 9.45 -7.57 -17.48
CA ILE D 50 9.04 -6.54 -18.42
C ILE D 50 10.00 -5.35 -18.33
N PRO D 51 10.79 -5.21 -19.37
CA PRO D 51 11.85 -4.22 -19.41
C PRO D 51 11.32 -2.84 -19.68
N CYS D 52 12.14 -1.88 -19.38
CA CYS D 52 11.75 -0.50 -19.48
C CYS D 52 12.62 0.16 -20.48
N CYS D 53 12.82 -0.56 -21.54
CA CYS D 53 13.63 -0.15 -22.69
C CYS D 53 12.77 0.38 -23.83
N ASP D 54 13.39 0.56 -24.99
CA ASP D 54 12.75 1.19 -26.13
C ASP D 54 12.71 0.30 -27.39
N CYS D 55 13.33 -0.88 -27.30
CA CYS D 55 13.39 -1.81 -28.44
C CYS D 55 12.01 -2.13 -29.01
N THR D 56 11.95 -2.34 -30.33
CA THR D 56 10.69 -2.73 -30.97
C THR D 56 10.87 -3.98 -31.82
N ALA D 57 12.10 -4.46 -31.90
CA ALA D 57 12.39 -5.67 -32.67
C ALA D 57 12.79 -6.80 -31.72
N GLY D 58 12.34 -7.99 -32.05
CA GLY D 58 12.62 -9.15 -31.24
C GLY D 58 12.03 -10.40 -31.84
N CYS D 59 11.48 -11.24 -30.98
CA CYS D 59 10.90 -12.51 -31.40
C CYS D 59 9.60 -12.81 -30.67
N TYR D 60 8.72 -13.59 -31.30
CA TYR D 60 7.45 -13.94 -30.69
C TYR D 60 7.09 -15.41 -30.91
N TYR D 61 6.26 -15.93 -30.02
CA TYR D 61 5.76 -17.28 -30.12
C TYR D 61 4.49 -17.34 -30.97
N SER D 62 4.49 -18.20 -31.97
CA SER D 62 3.30 -18.47 -32.75
C SER D 62 2.77 -19.85 -32.37
N ARG D 63 1.61 -19.89 -31.73
CA ARG D 63 1.04 -21.17 -31.30
C ARG D 63 0.55 -22.00 -32.48
N SER D 64 -0.07 -21.36 -33.47
CA SER D 64 -0.58 -22.08 -34.63
C SER D 64 0.55 -22.76 -35.41
N LYS D 65 1.73 -22.13 -35.44
CA LYS D 65 2.90 -22.72 -36.08
C LYS D 65 3.81 -23.44 -35.08
N ASP D 66 3.51 -23.30 -33.79
CA ASP D 66 4.31 -23.86 -32.66
C ASP D 66 5.81 -23.62 -32.77
N ARG D 67 6.20 -22.38 -33.03
CA ARG D 67 7.61 -22.02 -33.08
C ARG D 67 7.75 -20.53 -32.85
N TYR D 68 8.98 -20.09 -32.63
CA TYR D 68 9.27 -18.67 -32.52
C TYR D 68 9.63 -18.06 -33.88
N PHE D 69 9.30 -16.79 -34.06
CA PHE D 69 9.63 -16.01 -35.25
C PHE D 69 10.36 -14.72 -34.86
N PRO D 70 11.39 -14.34 -35.63
CA PRO D 70 11.85 -12.94 -35.51
C PRO D 70 10.79 -11.98 -36.02
N VAL D 71 10.80 -10.76 -35.49
CA VAL D 71 9.83 -9.76 -35.91
C VAL D 71 10.37 -8.36 -35.65
N GLU D 72 10.11 -7.43 -36.56
CA GLU D 72 10.47 -6.04 -36.35
C GLU D 72 9.17 -5.24 -36.31
N CYS D 73 8.95 -4.52 -35.21
CA CYS D 73 7.67 -3.86 -35.03
C CYS D 73 7.75 -2.34 -35.08
N VAL D 74 6.61 -1.75 -35.40
CA VAL D 74 6.38 -0.31 -35.33
C VAL D 74 5.31 -0.02 -34.29
N SER D 75 5.49 1.04 -33.51
CA SER D 75 4.47 1.48 -32.56
C SER D 75 3.33 2.23 -33.22
N HIS D 76 2.12 1.94 -32.78
CA HIS D 76 0.94 2.71 -33.19
C HIS D 76 0.21 3.09 -31.91
N ASP D 77 -0.09 4.36 -31.77
CA ASP D 77 -0.85 4.88 -30.64
C ASP D 77 -2.20 4.18 -30.56
N TRP D 78 -2.80 3.95 -31.72
CA TRP D 78 -4.01 3.15 -31.78
C TRP D 78 -4.14 2.39 -33.08
N TYR D 79 -5.00 1.38 -33.07
CA TYR D 79 -5.12 0.45 -34.18
C TYR D 79 -6.52 -0.15 -34.25
N GLU D 80 -7.04 -0.30 -35.46
CA GLU D 80 -8.36 -0.88 -35.64
C GLU D 80 -8.26 -2.40 -35.60
N ILE D 81 -8.87 -3.01 -34.59
CA ILE D 81 -8.96 -4.46 -34.49
C ILE D 81 -10.27 -4.93 -35.12
N GLN D 82 -10.19 -5.89 -36.02
CA GLN D 82 -11.39 -6.39 -36.70
C GLN D 82 -12.24 -7.27 -35.80
N GLU D 83 -13.50 -7.42 -36.20
CA GLU D 83 -14.46 -8.29 -35.53
C GLU D 83 -13.89 -9.69 -35.25
N SER D 84 -14.09 -10.15 -34.02
CA SER D 84 -13.69 -11.49 -33.63
C SER D 84 -14.91 -12.21 -33.04
N GLY D 85 -14.70 -13.40 -32.48
CA GLY D 85 -15.80 -14.13 -31.86
C GLY D 85 -16.17 -13.53 -30.52
N TYR D 86 -15.19 -12.92 -29.86
CA TYR D 86 -15.40 -12.31 -28.54
C TYR D 86 -15.59 -10.80 -28.52
N TYR D 87 -15.13 -10.08 -29.54
CA TYR D 87 -15.29 -8.61 -29.57
C TYR D 87 -15.84 -8.14 -30.91
N PRO D 88 -16.69 -7.11 -30.89
CA PRO D 88 -16.99 -6.42 -32.15
C PRO D 88 -15.79 -5.62 -32.62
N LYS D 89 -15.83 -5.13 -33.86
CA LYS D 89 -14.78 -4.26 -34.39
C LYS D 89 -14.62 -3.01 -33.50
N HIS D 90 -13.39 -2.73 -33.08
CA HIS D 90 -13.09 -1.67 -32.11
C HIS D 90 -11.65 -1.15 -32.22
N ILE D 91 -11.38 -0.04 -31.55
CA ILE D 91 -10.05 0.55 -31.49
C ILE D 91 -9.27 0.02 -30.26
N GLN D 92 -7.98 -0.28 -30.42
CA GLN D 92 -7.14 -0.59 -29.28
C GLN D 92 -5.96 0.36 -29.23
N TYR D 93 -5.36 0.51 -28.05
CA TYR D 93 -4.31 1.51 -27.86
C TYR D 93 -2.98 0.86 -27.51
N ASN D 94 -1.89 1.57 -27.84
CA ASN D 94 -0.52 1.15 -27.58
C ASN D 94 -0.17 -0.21 -28.17
N LEU D 95 -0.14 -0.27 -29.50
CA LEU D 95 0.16 -1.53 -30.16
C LEU D 95 1.54 -1.53 -30.81
N LEU D 96 2.15 -2.71 -30.83
CA LEU D 96 3.31 -2.96 -31.67
C LEU D 96 2.82 -3.80 -32.85
N ILE D 97 3.10 -3.33 -34.06
CA ILE D 97 2.62 -4.01 -35.25
C ILE D 97 3.78 -4.50 -36.07
N GLY D 98 3.77 -5.78 -36.41
CA GLY D 98 4.88 -6.34 -37.18
C GLY D 98 4.39 -7.20 -38.31
N GLU D 99 5.30 -7.51 -39.23
CA GLU D 99 5.02 -8.46 -40.29
C GLU D 99 5.16 -9.87 -39.75
N GLY D 100 4.15 -10.71 -39.96
CA GLY D 100 4.19 -12.06 -39.43
C GLY D 100 2.87 -12.80 -39.47
N HIS D 101 2.95 -14.11 -39.37
CA HIS D 101 1.76 -14.95 -39.38
C HIS D 101 1.01 -14.90 -38.06
N CYS D 102 -0.31 -14.78 -38.15
CA CYS D 102 -1.14 -14.79 -36.95
C CYS D 102 -2.54 -15.35 -37.25
N GLU D 103 -2.99 -16.27 -36.39
CA GLU D 103 -4.32 -16.89 -36.54
C GLU D 103 -5.15 -16.79 -35.28
N PRO D 104 -6.47 -17.03 -35.41
CA PRO D 104 -7.29 -17.19 -34.20
C PRO D 104 -6.72 -18.27 -33.30
N GLY D 105 -6.57 -17.96 -32.02
CA GLY D 105 -6.02 -18.88 -31.05
C GLY D 105 -4.61 -18.47 -30.65
N ASP D 106 -4.02 -17.53 -31.38
CA ASP D 106 -2.66 -17.10 -31.11
C ASP D 106 -2.54 -15.98 -30.07
N CYS D 107 -3.66 -15.42 -29.63
CA CYS D 107 -3.61 -14.34 -28.64
C CYS D 107 -2.92 -14.80 -27.35
N GLY D 108 -2.03 -13.98 -26.82
CA GLY D 108 -1.33 -14.35 -25.61
C GLY D 108 0.12 -14.78 -25.80
N GLY D 109 0.51 -15.15 -27.02
CA GLY D 109 1.87 -15.51 -27.33
C GLY D 109 2.81 -14.36 -27.01
N LYS D 110 3.94 -14.66 -26.37
CA LYS D 110 4.80 -13.60 -25.86
C LYS D 110 5.64 -12.94 -26.95
N LEU D 111 5.84 -11.63 -26.83
CA LEU D 111 6.80 -10.91 -27.65
C LEU D 111 7.99 -10.49 -26.77
N LEU D 112 9.19 -10.93 -27.15
CA LEU D 112 10.39 -10.64 -26.38
C LEU D 112 11.44 -9.87 -27.15
N CYS D 113 12.05 -8.91 -26.47
CA CYS D 113 13.29 -8.29 -26.95
C CYS D 113 14.43 -8.90 -26.15
N LYS D 114 15.62 -8.34 -26.29
CA LYS D 114 16.78 -8.87 -25.59
C LYS D 114 16.58 -8.81 -24.07
N HIS D 115 15.93 -7.75 -23.60
CA HIS D 115 15.82 -7.49 -22.15
C HIS D 115 14.65 -8.17 -21.44
N GLY D 116 13.70 -8.70 -22.20
CA GLY D 116 12.60 -9.43 -21.61
C GLY D 116 11.33 -9.37 -22.44
N VAL D 117 10.20 -9.66 -21.80
CA VAL D 117 8.92 -9.66 -22.49
C VAL D 117 8.35 -8.24 -22.59
N ILE D 118 8.04 -7.82 -23.82
CA ILE D 118 7.52 -6.47 -24.02
C ILE D 118 6.10 -6.45 -24.58
N GLY D 119 5.58 -7.63 -24.93
CA GLY D 119 4.26 -7.70 -25.51
C GLY D 119 3.60 -9.06 -25.54
N MET D 120 2.32 -9.06 -25.92
CA MET D 120 1.53 -10.28 -26.09
C MET D 120 0.70 -10.10 -27.34
N ILE D 121 0.59 -11.14 -28.15
CA ILE D 121 -0.26 -11.06 -29.33
C ILE D 121 -1.71 -10.75 -28.93
N THR D 122 -2.33 -9.77 -29.59
CA THR D 122 -3.70 -9.42 -29.27
C THR D 122 -4.61 -9.52 -30.51
N ALA D 123 -4.02 -9.51 -31.70
CA ALA D 123 -4.77 -9.57 -32.95
C ALA D 123 -3.79 -9.78 -34.12
N GLY D 124 -4.32 -10.19 -35.28
CA GLY D 124 -3.53 -10.39 -36.49
C GLY D 124 -4.33 -10.80 -37.71
N GLY D 125 -3.70 -10.86 -38.87
CA GLY D 125 -4.40 -11.27 -40.08
C GLY D 125 -3.63 -11.36 -41.39
N ASP D 126 -3.55 -10.22 -42.07
CA ASP D 126 -2.90 -10.10 -43.36
C ASP D 126 -1.38 -10.15 -43.30
N ASN D 127 -0.86 -11.25 -42.75
CA ASN D 127 0.57 -11.40 -42.52
C ASN D 127 1.08 -10.21 -41.67
N HIS D 128 0.20 -9.70 -40.83
CA HIS D 128 0.54 -8.72 -39.80
C HIS D 128 0.18 -9.26 -38.42
N VAL D 129 1.02 -8.94 -37.44
CA VAL D 129 0.79 -9.33 -36.07
C VAL D 129 0.73 -8.09 -35.22
N ALA D 130 -0.26 -8.03 -34.34
CA ALA D 130 -0.41 -6.89 -33.46
C ALA D 130 -0.20 -7.35 -32.03
N PHE D 131 0.68 -6.67 -31.31
CA PHE D 131 0.94 -7.00 -29.92
C PHE D 131 0.48 -5.88 -29.01
N THR D 132 -0.05 -6.24 -27.84
CA THR D 132 -0.22 -5.27 -26.79
C THR D 132 1.13 -4.97 -26.14
N ASP D 133 1.50 -3.69 -26.10
CA ASP D 133 2.75 -3.28 -25.47
C ASP D 133 2.53 -3.25 -23.96
N LEU D 134 3.31 -4.07 -23.25
CA LEU D 134 3.10 -4.25 -21.82
C LEU D 134 3.80 -3.20 -20.98
N ARG D 135 4.79 -2.53 -21.56
CA ARG D 135 5.58 -1.54 -20.83
C ARG D 135 4.75 -0.40 -20.24
N PRO D 136 3.80 0.18 -21.00
CA PRO D 136 2.93 1.19 -20.37
C PRO D 136 2.18 0.68 -19.14
N TYR D 137 1.86 -0.61 -19.11
CA TYR D 137 1.05 -1.15 -18.03
C TYR D 137 1.94 -1.80 -16.97
N SER D 138 3.25 -1.74 -17.16
CA SER D 138 4.20 -2.29 -16.18
C SER D 138 4.59 -1.23 -15.16
ZN ZN E . 13.12 -22.19 7.72
ZN ZN F . -22.85 19.58 -18.92
ZN ZN G . -5.46 6.52 36.34
ZN ZN H . 14.88 -4.18 -25.12
#